data_1IEK
#
_entry.id   1IEK
#
_cell.length_a   ?
_cell.length_b   ?
_cell.length_c   ?
_cell.angle_alpha   ?
_cell.angle_beta   ?
_cell.angle_gamma   ?
#
loop_
_entity.id
_entity.type
_entity.pdbx_description
1 polymer "5'-D(*CP*CP*AP*CP*CP*(OCT)GP*GP*AP*AP*C)-3'"
2 polymer "5'-D(*GP*TP*TP*CP*CP*GP*GP*TP*GP*G)-3'"
3 non-polymer N-OCTANE
#
loop_
_entity_poly.entity_id
_entity_poly.type
_entity_poly.pdbx_seq_one_letter_code
_entity_poly.pdbx_strand_id
1 'polydeoxyribonucleotide' (DC)(DC)(DA)(DC)(DC)(DG)(DG)(DA)(DA)(DC) A
2 'polydeoxyribonucleotide' (DG)(DT)(DT)(DC)(DC)(DG)(DG)(DT)(DG)(DG) B
#
loop_
_chem_comp.id
_chem_comp.type
_chem_comp.name
_chem_comp.formula
DA DNA linking 2'-DEOXYADENOSINE-5'-MONOPHOSPHATE 'C10 H14 N5 O6 P'
DC DNA linking 2'-DEOXYCYTIDINE-5'-MONOPHOSPHATE 'C9 H14 N3 O7 P'
DG DNA linking 2'-DEOXYGUANOSINE-5'-MONOPHOSPHATE 'C10 H14 N5 O7 P'
DT DNA linking THYMIDINE-5'-MONOPHOSPHATE 'C10 H15 N2 O8 P'
OCT non-polymer N-OCTANE 'C8 H18'
#
# COMPACT_ATOMS: atom_id res chain seq x y z
C1 OCT C . -1.96 2.50 0.77
C2 OCT C . -0.97 1.45 1.28
C3 OCT C . -0.19 0.87 0.09
C4 OCT C . 0.80 -0.22 0.54
C5 OCT C . 1.53 -0.81 -0.67
C6 OCT C . 2.45 -1.96 -0.27
C7 OCT C . 3.15 -2.55 -1.50
C8 OCT C . 4.04 -3.74 -1.13
H11 OCT C . -1.40 3.27 0.25
H12 OCT C . -2.60 2.01 0.04
H21 OCT C . -1.52 0.66 1.79
H22 OCT C . -0.28 1.92 1.98
H31 OCT C . 0.35 1.66 -0.41
H32 OCT C . -0.90 0.43 -0.60
H41 OCT C . 0.26 -1.01 1.07
H42 OCT C . 1.53 0.22 1.23
H51 OCT C . 2.11 -0.03 -1.16
H52 OCT C . 0.78 -1.19 -1.38
H61 OCT C . 1.88 -2.74 0.22
H62 OCT C . 3.21 -1.58 0.42
H71 OCT C . 3.77 -1.78 -1.98
H72 OCT C . 2.40 -2.88 -2.22
H81 OCT C . 4.52 -4.14 -2.03
H82 OCT C . 4.80 -3.44 -0.42
H83 OCT C . 3.42 -4.53 -0.68
C1 OCT C . -2.57 3.11 1.46
C2 OCT C . -3.43 2.00 0.88
C3 OCT C . -2.64 1.08 -0.08
C4 OCT C . -2.28 1.78 -1.41
C5 OCT C . -2.70 0.93 -2.61
C6 OCT C . -2.46 1.69 -3.93
C7 OCT C . -2.90 0.84 -5.12
C8 OCT C . -2.73 1.61 -6.43
H11 OCT C . -1.77 2.65 2.03
H12 OCT C . -2.08 3.66 0.64
H21 OCT C . -4.28 2.44 0.34
H22 OCT C . -3.82 1.40 1.70
H31 OCT C . -3.26 0.21 -0.27
H32 OCT C . -1.74 0.74 0.42
H41 OCT C . -1.20 1.94 -1.43
H42 OCT C . -2.76 2.75 -1.47
H51 OCT C . -3.77 0.71 -2.53
H52 OCT C . -2.15 0.00 -2.61
H61 OCT C . -1.40 1.92 -4.02
H62 OCT C . -3.03 2.62 -3.91
H71 OCT C . -3.96 0.57 -5.01
H72 OCT C . -2.31 -0.08 -5.16
H81 OCT C . -1.69 1.88 -6.56
H82 OCT C . -3.05 0.98 -7.27
H83 OCT C . -3.35 2.51 -6.41
C1 OCT C . -1.53 2.97 1.10
C2 OCT C . -0.47 2.01 1.63
C3 OCT C . -1.10 0.71 2.14
C4 OCT C . 0.03 -0.29 2.45
C5 OCT C . -0.52 -1.60 3.03
C6 OCT C . 0.63 -2.59 3.24
C7 OCT C . 0.14 -3.88 3.90
C8 OCT C . 1.30 -4.87 4.07
H11 OCT C . -1.00 3.81 0.63
H12 OCT C . -2.07 2.45 0.31
H21 OCT C . 0.09 2.47 2.44
H22 OCT C . 0.22 1.79 0.82
H31 OCT C . -1.75 0.29 1.38
H32 OCT C . -1.67 0.91 3.05
H41 OCT C . 0.73 0.15 3.16
H42 OCT C . 0.57 -0.52 1.52
H51 OCT C . -1.25 -2.02 2.34
H52 OCT C . -1.01 -1.39 3.99
H61 OCT C . 1.40 -2.13 3.87
H62 OCT C . 1.06 -2.83 2.27
H71 OCT C . -0.62 -4.35 3.28
H72 OCT C . -0.29 -3.66 4.88
H81 OCT C . 0.94 -5.77 4.56
H82 OCT C . 1.71 -5.14 3.09
H83 OCT C . 2.08 -4.42 4.69
C1 OCT C . -1.49 2.80 1.36
C2 OCT C . -0.38 1.98 2.03
C3 OCT C . 0.39 1.11 1.03
C4 OCT C . 0.94 1.83 -0.22
C5 OCT C . 1.89 2.99 0.11
C6 OCT C . 2.41 3.64 -1.18
C7 OCT C . 3.28 4.87 -0.87
C8 OCT C . 3.78 5.53 -2.14
H11 OCT C . -1.03 3.53 0.69
H12 OCT C . -2.09 2.12 0.76
H21 OCT C . -0.83 1.35 2.78
H22 OCT C . 0.32 2.66 2.51
H31 OCT C . -0.28 0.32 0.69
H32 OCT C . 1.22 0.63 1.55
H41 OCT C . 0.11 2.19 -0.83
H42 OCT C . 1.49 1.10 -0.82
H51 OCT C . 2.73 2.62 0.70
H52 OCT C . 1.35 3.75 0.68
H61 OCT C . 1.57 3.95 -1.81
H62 OCT C . 3.02 2.91 -1.73
H71 OCT C . 4.12 4.57 -0.25
H72 OCT C . 2.67 5.59 -0.31
H81 OCT C . 4.40 6.40 -1.88
H82 OCT C . 4.39 4.83 -2.71
H83 OCT C . 2.94 5.87 -2.75
C1 OCT C . -1.64 2.84 0.74
C2 OCT C . -2.13 1.50 0.18
C3 OCT C . -1.80 0.35 1.14
C4 OCT C . -2.35 -0.97 0.60
C5 OCT C . -1.93 -2.14 1.51
C6 OCT C . -2.49 -3.45 0.98
C7 OCT C . -2.11 -4.62 1.90
C8 OCT C . -2.67 -5.95 1.36
H11 OCT C . -0.66 2.69 1.16
H12 OCT C . -1.50 3.52 -0.09
H21 OCT C . -1.63 1.32 -0.77
H22 OCT C . -3.20 1.56 0.01
H31 OCT C . -2.25 0.56 2.12
H32 OCT C . -0.72 0.29 1.26
H41 OCT C . -1.96 -1.14 -0.40
H42 OCT C . -3.43 -0.92 0.56
H51 OCT C . -2.31 -1.96 2.52
H52 OCT C . -0.84 -2.20 1.55
H61 OCT C . -2.10 -3.64 -0.02
H62 OCT C . -3.58 -3.39 0.93
H71 OCT C . -2.52 -4.45 2.90
H72 OCT C . -1.03 -4.70 1.96
H81 OCT C . -2.39 -6.76 2.03
H82 OCT C . -3.76 -5.89 1.30
H83 OCT C . -2.26 -6.15 0.37
C1 OCT C . -1.56 3.09 0.48
C2 OCT C . -0.52 1.97 0.59
C3 OCT C . -1.18 0.66 1.03
C4 OCT C . -0.17 -0.49 1.04
C5 OCT C . -0.86 -1.79 1.50
C6 OCT C . 0.12 -2.97 1.51
C7 OCT C . -0.58 -4.25 1.97
C8 OCT C . 0.38 -5.45 1.97
H11 OCT C . -1.06 3.97 0.07
H12 OCT C . -2.30 2.77 -0.27
H21 OCT C . 0.25 2.25 1.32
H22 OCT C . -0.05 1.83 -0.37
H31 OCT C . -1.99 0.42 0.35
H32 OCT C . -1.58 0.78 2.04
H41 OCT C . 0.64 -0.26 1.72
H42 OCT C . 0.22 -0.63 0.04
H51 OCT C . -1.69 -2.02 0.83
H52 OCT C . -1.25 -1.64 2.51
H61 OCT C . 0.95 -2.75 2.19
H62 OCT C . 0.51 -3.11 0.51
H71 OCT C . -1.42 -4.47 1.29
H72 OCT C . -0.99 -4.12 2.98
H81 OCT C . -0.15 -6.34 2.30
H82 OCT C . 0.77 -5.60 0.97
H83 OCT C . 1.20 -5.25 2.66
C1 OCT C . -1.94 3.09 0.74
C2 OCT C . -0.95 1.94 0.87
C3 OCT C . -0.13 1.82 -0.43
C4 OCT C . 0.26 0.37 -0.74
C5 OCT C . 0.91 0.20 -2.12
C6 OCT C . 2.31 0.85 -2.21
C7 OCT C . 2.94 0.60 -3.58
C8 OCT C . 4.32 1.24 -3.67
H11 OCT C . -1.41 3.98 0.40
H12 OCT C . -2.65 2.81 -0.05
H21 OCT C . -1.50 1.02 1.05
H22 OCT C . -0.26 2.12 1.71
H31 OCT C . 0.75 2.43 -0.34
H32 OCT C . -0.73 2.19 -1.27
H41 OCT C . -0.64 -0.25 -0.72
H42 OCT C . 0.93 0.00 0.03
H51 OCT C . 0.26 0.65 -2.88
H52 OCT C . 1.00 -0.86 -2.33
H61 OCT C . 2.94 0.43 -1.42
H62 OCT C . 2.22 1.92 -2.05
H71 OCT C . 2.31 1.02 -4.36
H72 OCT C . 3.04 -0.48 -3.74
H81 OCT C . 4.76 1.04 -4.65
H82 OCT C . 4.25 2.33 -3.54
H83 OCT C . 4.98 0.83 -2.90
C1 OCT C . -2.04 2.64 0.58
C2 OCT C . -1.06 1.50 0.81
C3 OCT C . -0.57 0.87 -0.50
C4 OCT C . 0.45 -0.24 -0.20
C5 OCT C . 0.94 -0.94 -1.47
C6 OCT C . 1.84 -2.15 -1.18
C7 OCT C . 3.12 -1.79 -0.41
C8 OCT C . 4.05 -3.00 -0.27
H11 OCT C . -1.51 3.47 0.10
H12 OCT C . -2.80 2.29 -0.12
H21 OCT C . -1.55 0.74 1.41
H22 OCT C . -0.20 1.87 1.36
H31 OCT C . -0.11 1.63 -1.13
H32 OCT C . -1.42 0.44 -1.03
H41 OCT C . -0.01 -0.97 0.47
H42 OCT C . 1.30 0.21 0.32
H51 OCT C . 1.49 -0.22 -2.09
H52 OCT C . 0.08 -1.28 -2.04
H61 OCT C . 2.11 -2.60 -2.13
H62 OCT C . 1.27 -2.88 -0.60
H71 OCT C . 2.88 -1.44 0.59
H72 OCT C . 3.66 -1.00 -0.94
H81 OCT C . 4.93 -2.72 0.30
H82 OCT C . 3.53 -3.81 0.24
H83 OCT C . 4.36 -3.35 -1.26
C1 OCT C . -2.01 3.01 0.97
C2 OCT C . -1.00 1.90 1.22
C3 OCT C . -0.34 1.44 -0.10
C4 OCT C . 0.92 0.58 0.14
C5 OCT C . 0.71 -0.69 0.97
C6 OCT C . -0.04 -1.79 0.24
C7 OCT C . -0.40 -2.93 1.21
C8 OCT C . -0.86 -4.19 0.45
H11 OCT C . -1.50 3.86 0.52
H12 OCT C . -2.74 2.65 0.24
H21 OCT C . -1.53 1.05 1.67
H22 OCT C . -0.24 2.25 1.91
H31 OCT C . -0.04 2.31 -0.67
H32 OCT C . -1.07 0.88 -0.68
H41 OCT C . 1.66 1.21 0.64
H42 OCT C . 1.34 0.30 -0.83
H51 OCT C . 0.20 -0.44 1.90
H52 OCT C . 1.69 -1.08 1.26
H61 OCT C . 0.58 -2.18 -0.57
H62 OCT C . -0.96 -1.40 -0.19
H71 OCT C . -1.20 -2.61 1.87
H72 OCT C . 0.47 -3.19 1.81
H81 OCT C . -0.04 -4.58 -0.15
H82 OCT C . -1.17 -4.95 1.17
H83 OCT C . -1.71 -3.95 -0.21
C1 OCT C . -2.00 2.87 0.58
C2 OCT C . -1.10 1.64 0.65
C3 OCT C . -0.50 1.34 -0.74
C4 OCT C . 0.41 0.11 -0.72
C5 OCT C . 0.91 -0.22 -2.13
C6 OCT C . 1.73 -1.51 -2.20
C7 OCT C . 3.12 -1.37 -1.55
C8 OCT C . 3.91 -2.69 -1.68
H11 OCT C . -1.43 3.69 0.17
H12 OCT C . -2.80 2.64 -0.12
H21 OCT C . -1.68 0.78 0.98
H22 OCT C . -0.29 1.80 1.37
H31 OCT C . 0.08 2.21 -1.06
H32 OCT C . -1.31 1.19 -1.45
H41 OCT C . -0.16 -0.74 -0.33
H42 OCT C . 1.26 0.30 -0.06
H51 OCT C . 1.51 0.61 -2.50
H52 OCT C . 0.05 -0.32 -2.78
H61 OCT C . 1.86 -1.77 -3.25
H62 OCT C . 1.18 -2.31 -1.71
H71 OCT C . 3.02 -1.14 -0.49
H72 OCT C . 3.67 -0.59 -2.05
H81 OCT C . 4.89 -2.57 -1.24
H82 OCT C . 3.38 -3.49 -1.16
H83 OCT C . 4.01 -2.96 -2.73
#